data_6INH
#
_entry.id   6INH
#
_cell.length_a   97.553
_cell.length_b   97.553
_cell.length_c   90.774
_cell.angle_alpha   90.00
_cell.angle_beta   90.00
_cell.angle_gamma   120.00
#
_symmetry.space_group_name_H-M   'P 31 2 1'
#
loop_
_entity.id
_entity.type
_entity.pdbx_description
1 polymer 'UDP-glycosyltransferase 76G1'
2 non-polymer "URIDINE-5'-DIPHOSPHATE"
3 non-polymer 1-O-[(8alpha,9beta,10alpha,13alpha)-13-(beta-D-glucopyranosyloxy)-18-oxokaur-16-en-18-yl]-beta-D-glucopyranose
4 non-polymer GLYCEROL
5 water water
#
_entity_poly.entity_id   1
_entity_poly.type   'polypeptide(L)'
_entity_poly.pdbx_seq_one_letter_code
;MENKTETTVRRRRRIILFPVPFQGHINPILQLANVLYSKGFSITIFHTNFNKPKTSNYPHFTFRFILDNDPQDERISNLP
THGPLAGMRIPIINEHGADELRRELELLMLASEEDEEVSCLITDALWYFAQSVADSLNLRRLVLMTSSLFNFHAHVSLPQ
FDELGYLDPDDKTRLEEQASGFPMLKVKDIKSAYSNWQILKEILGKMIKQTKASSGVIWNSFKELEESELETVIREIPAP
SFLIPLPKHLTASSSSLLDHDRTVFQWLDQQPPSSVLYVSFGSTSEVDEKDFLEIARGLVDSKQSFLWVVRPGFVKGSTW
VEPLPDGFLGERGRIVKWVPQQEVLAHGAIGAFWTHSGWNSTLESVCEGVPMIFSDFGLDQPLNARYMSDVLKVGVYLEN
GWERGEIANAIRRVMVDEEGEYIRQNARVLKQKADVSLMKGGSSYESLESLVSYISSLLEHHHHHH
;
_entity_poly.pdbx_strand_id   A
#
# COMPACT_ATOMS: atom_id res chain seq x y z
N ARG A 11 21.07 20.58 10.20
CA ARG A 11 20.99 19.10 10.44
C ARG A 11 22.21 18.38 9.88
N ARG A 12 22.85 17.59 10.74
CA ARG A 12 24.08 16.87 10.40
C ARG A 12 23.87 15.78 9.30
N ARG A 13 22.72 15.12 9.31
CA ARG A 13 22.54 13.93 8.48
C ARG A 13 21.32 14.03 7.55
N ARG A 14 21.57 13.77 6.26
CA ARG A 14 20.53 13.83 5.25
C ARG A 14 20.18 12.43 4.79
N ILE A 15 18.91 12.20 4.56
CA ILE A 15 18.45 10.96 3.93
C ILE A 15 17.78 11.32 2.64
N ILE A 16 18.09 10.56 1.59
CA ILE A 16 17.43 10.71 0.30
C ILE A 16 16.43 9.56 0.16
N LEU A 17 15.18 9.90 -0.13
CA LEU A 17 14.16 8.90 -0.40
C LEU A 17 13.69 9.01 -1.86
N PHE A 18 13.43 7.84 -2.43
CA PHE A 18 13.05 7.69 -3.81
C PHE A 18 11.83 6.75 -3.92
N PRO A 19 10.63 7.32 -4.04
CA PRO A 19 9.41 6.54 -4.15
C PRO A 19 9.10 6.10 -5.56
N VAL A 20 8.26 5.08 -5.63
CA VAL A 20 7.61 4.70 -6.88
C VAL A 20 6.43 5.67 -7.03
N PRO A 21 6.21 6.24 -8.25
CA PRO A 21 5.28 7.35 -8.38
C PRO A 21 3.81 6.92 -8.58
N PHE A 22 3.29 6.18 -7.61
CA PHE A 22 1.85 5.89 -7.51
C PHE A 22 1.42 6.07 -6.08
N GLN A 23 0.15 6.33 -5.88
CA GLN A 23 -0.35 6.77 -4.59
C GLN A 23 0.02 5.85 -3.42
N GLY A 24 -0.11 4.54 -3.65
CA GLY A 24 0.16 3.54 -2.62
C GLY A 24 1.64 3.32 -2.30
N HIS A 25 2.50 3.92 -3.11
CA HIS A 25 3.94 3.91 -2.87
C HIS A 25 4.46 5.25 -2.38
N ILE A 26 3.92 6.35 -2.93
CA ILE A 26 4.27 7.69 -2.47
C ILE A 26 3.86 7.92 -0.99
N ASN A 27 2.65 7.45 -0.65
CA ASN A 27 2.13 7.65 0.70
C ASN A 27 3.07 7.12 1.80
N PRO A 28 3.44 5.82 1.76
CA PRO A 28 4.31 5.34 2.85
C PRO A 28 5.72 5.92 2.85
N ILE A 29 6.29 6.20 1.68
CA ILE A 29 7.59 6.87 1.60
C ILE A 29 7.58 8.23 2.28
N LEU A 30 6.55 9.02 2.02
CA LEU A 30 6.47 10.36 2.60
C LEU A 30 6.07 10.33 4.08
N GLN A 31 5.29 9.33 4.49
CA GLN A 31 5.10 9.07 5.93
C GLN A 31 6.43 8.77 6.58
N LEU A 32 7.18 7.86 5.99
CA LEU A 32 8.49 7.49 6.52
C LEU A 32 9.41 8.70 6.58
N ALA A 33 9.43 9.50 5.50
CA ALA A 33 10.22 10.71 5.45
C ALA A 33 9.89 11.64 6.61
N ASN A 34 8.61 11.79 6.90
CA ASN A 34 8.20 12.61 8.04
C ASN A 34 8.62 12.08 9.39
N VAL A 35 8.53 10.76 9.54
CA VAL A 35 8.96 10.10 10.77
C VAL A 35 10.46 10.35 10.99
N LEU A 36 11.24 10.18 9.92
CA LEU A 36 12.67 10.40 9.97
C LEU A 36 13.04 11.86 10.17
N TYR A 37 12.30 12.77 9.54
CA TYR A 37 12.44 14.19 9.82
C TYR A 37 12.20 14.53 11.31
N SER A 38 11.16 13.96 11.89
N SER A 38 11.15 13.96 11.89
CA SER A 38 10.88 14.17 13.32
CA SER A 38 10.87 14.14 13.32
C SER A 38 11.97 13.58 14.23
C SER A 38 12.01 13.63 14.21
N LYS A 39 12.83 12.71 13.70
CA LYS A 39 13.97 12.18 14.43
C LYS A 39 15.26 12.95 14.19
N GLY A 40 15.21 14.06 13.43
CA GLY A 40 16.34 14.94 13.27
C GLY A 40 17.06 14.88 11.94
N PHE A 41 16.59 14.06 11.00
CA PHE A 41 17.25 13.94 9.70
C PHE A 41 16.75 15.02 8.75
N SER A 42 17.63 15.54 7.88
CA SER A 42 17.14 16.33 6.74
C SER A 42 16.73 15.36 5.62
N ILE A 43 15.82 15.81 4.77
CA ILE A 43 15.15 14.97 3.82
C ILE A 43 15.23 15.58 2.43
N THR A 44 15.67 14.77 1.47
CA THR A 44 15.53 15.05 0.05
C THR A 44 14.70 13.94 -0.56
N ILE A 45 13.72 14.30 -1.37
CA ILE A 45 12.92 13.35 -2.08
C ILE A 45 13.30 13.43 -3.55
N PHE A 46 13.73 12.30 -4.11
CA PHE A 46 13.88 12.17 -5.57
C PHE A 46 12.57 11.63 -6.10
N HIS A 47 12.00 12.28 -7.11
CA HIS A 47 10.69 11.90 -7.62
C HIS A 47 10.59 12.14 -9.11
N THR A 48 9.85 11.31 -9.82
CA THR A 48 9.50 11.64 -11.21
C THR A 48 8.55 12.84 -11.28
N ASN A 49 8.57 13.56 -12.41
CA ASN A 49 7.53 14.58 -12.67
C ASN A 49 6.13 13.93 -12.69
N PHE A 50 6.04 12.77 -13.33
CA PHE A 50 4.84 11.95 -13.34
C PHE A 50 4.31 11.67 -11.92
N ASN A 51 3.02 11.90 -11.71
CA ASN A 51 2.35 11.66 -10.43
C ASN A 51 3.03 12.34 -9.24
N LYS A 52 3.60 13.52 -9.48
CA LYS A 52 4.28 14.23 -8.39
C LYS A 52 3.26 14.68 -7.33
N PRO A 53 3.63 14.61 -6.05
CA PRO A 53 2.77 15.18 -5.01
C PRO A 53 2.90 16.69 -4.98
N LYS A 54 2.08 17.35 -4.18
CA LYS A 54 2.17 18.81 -4.02
C LYS A 54 3.39 19.13 -3.18
N THR A 55 4.44 19.63 -3.81
CA THR A 55 5.68 19.95 -3.06
C THR A 55 5.48 21.09 -2.06
N SER A 56 4.51 21.97 -2.30
CA SER A 56 4.16 23.03 -1.33
C SER A 56 3.56 22.49 -0.03
N ASN A 57 3.09 21.24 -0.01
CA ASN A 57 2.70 20.62 1.27
C ASN A 57 3.92 20.23 2.14
N TYR A 58 5.13 20.23 1.58
CA TYR A 58 6.32 19.79 2.28
C TYR A 58 7.41 20.85 2.26
N PRO A 59 7.19 21.99 2.94
CA PRO A 59 8.23 23.05 2.93
C PRO A 59 9.54 22.61 3.59
N HIS A 60 9.46 21.61 4.45
CA HIS A 60 10.61 21.08 5.18
C HIS A 60 11.43 20.01 4.42
N PHE A 61 10.93 19.55 3.26
CA PHE A 61 11.64 18.59 2.39
C PHE A 61 12.16 19.32 1.15
N THR A 62 13.27 18.82 0.60
CA THR A 62 13.77 19.26 -0.69
C THR A 62 13.38 18.22 -1.71
N PHE A 63 12.73 18.66 -2.78
CA PHE A 63 12.36 17.77 -3.87
C PHE A 63 13.32 18.01 -5.01
N ARG A 64 13.76 16.93 -5.64
CA ARG A 64 14.53 16.98 -6.86
C ARG A 64 13.81 16.08 -7.86
N PHE A 65 13.38 16.64 -8.99
CA PHE A 65 12.63 15.88 -9.99
C PHE A 65 13.56 15.26 -11.02
N ILE A 66 13.42 13.95 -11.27
CA ILE A 66 14.36 13.18 -12.05
C ILE A 66 13.65 12.23 -12.99
N LEU A 67 14.42 11.73 -13.96
CA LEU A 67 14.08 10.59 -14.83
C LEU A 67 13.10 10.85 -15.98
N ASP A 68 12.20 11.83 -15.84
CA ASP A 68 11.30 12.22 -16.93
C ASP A 68 11.23 13.75 -17.10
N ASN A 69 12.36 14.42 -16.93
CA ASN A 69 12.46 15.85 -17.27
C ASN A 69 12.50 15.99 -18.80
N ASP A 70 12.16 17.17 -19.29
CA ASP A 70 12.14 17.43 -20.75
C ASP A 70 13.57 17.65 -21.32
N PRO A 71 13.86 17.13 -22.53
CA PRO A 71 12.96 16.29 -23.32
C PRO A 71 12.82 14.89 -22.73
N GLN A 72 11.60 14.36 -22.71
CA GLN A 72 11.32 13.06 -22.09
C GLN A 72 11.93 11.92 -22.90
N ASP A 73 12.18 10.80 -22.21
CA ASP A 73 12.61 9.56 -22.84
C ASP A 73 11.43 9.04 -23.66
N GLU A 74 11.70 8.67 -24.91
CA GLU A 74 10.72 8.04 -25.81
C GLU A 74 10.03 6.80 -25.22
N ARG A 75 10.76 6.07 -24.37
CA ARG A 75 10.23 4.89 -23.68
C ARG A 75 9.11 5.23 -22.66
N ILE A 76 9.26 6.36 -21.97
CA ILE A 76 8.30 6.83 -20.95
C ILE A 76 7.18 7.69 -21.56
N SER A 77 7.54 8.62 -22.45
CA SER A 77 6.66 9.67 -22.98
C SER A 77 5.20 9.26 -23.21
N ASN A 78 5.02 8.27 -24.06
CA ASN A 78 3.70 7.94 -24.59
C ASN A 78 2.93 6.90 -23.77
N LEU A 79 3.51 6.45 -22.66
CA LEU A 79 2.78 5.59 -21.75
C LEU A 79 1.58 6.35 -21.22
N PRO A 80 0.41 5.68 -21.09
CA PRO A 80 -0.74 6.36 -20.51
C PRO A 80 -0.49 6.70 -19.04
N THR A 81 -1.14 7.75 -18.57
CA THR A 81 -1.02 8.18 -17.17
C THR A 81 -2.01 7.49 -16.22
N HIS A 82 -2.80 6.54 -16.73
CA HIS A 82 -3.74 5.76 -15.89
C HIS A 82 -3.95 4.33 -16.41
N GLY A 83 -4.47 3.47 -15.54
CA GLY A 83 -4.81 2.08 -15.89
C GLY A 83 -3.64 1.10 -15.84
N PRO A 84 -3.85 -0.14 -16.32
CA PRO A 84 -2.82 -1.18 -16.39
C PRO A 84 -1.42 -0.72 -16.83
N LEU A 85 -1.33 -0.07 -17.99
CA LEU A 85 -0.04 0.22 -18.61
C LEU A 85 0.72 1.43 -18.07
N ALA A 86 0.11 2.21 -17.17
CA ALA A 86 0.82 3.32 -16.52
C ALA A 86 2.00 2.80 -15.68
N GLY A 87 1.82 1.63 -15.07
CA GLY A 87 2.84 0.98 -14.26
C GLY A 87 4.06 0.45 -15.01
N MET A 88 3.99 0.38 -16.33
CA MET A 88 5.16 0.00 -17.13
C MET A 88 6.34 0.96 -16.94
N ARG A 89 6.08 2.18 -16.47
CA ARG A 89 7.15 3.10 -16.00
C ARG A 89 8.13 2.43 -15.05
N ILE A 90 7.65 1.50 -14.22
CA ILE A 90 8.47 0.84 -13.22
C ILE A 90 9.59 -0.06 -13.80
N PRO A 91 9.26 -1.14 -14.57
CA PRO A 91 10.35 -1.89 -15.20
C PRO A 91 11.20 -1.05 -16.18
N ILE A 92 10.60 -0.06 -16.85
CA ILE A 92 11.34 0.77 -17.79
C ILE A 92 12.41 1.61 -17.09
N ILE A 93 12.05 2.24 -15.98
CA ILE A 93 12.99 3.03 -15.20
C ILE A 93 14.04 2.15 -14.55
N ASN A 94 13.64 0.98 -14.05
CA ASN A 94 14.60 -0.01 -13.59
C ASN A 94 15.63 -0.38 -14.66
N GLU A 95 15.19 -0.55 -15.89
CA GLU A 95 16.10 -0.99 -16.96
C GLU A 95 16.98 0.14 -17.52
N HIS A 96 16.56 1.39 -17.42
CA HIS A 96 17.23 2.51 -18.12
C HIS A 96 17.62 3.70 -17.25
N GLY A 97 17.25 3.70 -15.97
CA GLY A 97 17.41 4.89 -15.14
C GLY A 97 18.71 5.02 -14.38
N ALA A 98 19.56 3.98 -14.39
CA ALA A 98 20.72 3.93 -13.50
C ALA A 98 21.65 5.12 -13.65
N ASP A 99 22.02 5.40 -14.90
CA ASP A 99 22.93 6.50 -15.22
C ASP A 99 22.44 7.82 -14.67
N GLU A 100 21.17 8.14 -14.92
CA GLU A 100 20.62 9.38 -14.42
C GLU A 100 20.58 9.42 -12.91
N LEU A 101 20.13 8.33 -12.29
CA LEU A 101 20.08 8.27 -10.84
C LEU A 101 21.47 8.49 -10.24
N ARG A 102 22.48 7.85 -10.82
CA ARG A 102 23.84 8.03 -10.33
C ARG A 102 24.27 9.48 -10.44
N ARG A 103 24.00 10.11 -11.58
CA ARG A 103 24.35 11.53 -11.80
C ARG A 103 23.69 12.40 -10.77
N GLU A 104 22.41 12.18 -10.53
CA GLU A 104 21.65 12.97 -9.57
C GLU A 104 22.16 12.80 -8.14
N LEU A 105 22.46 11.57 -7.75
CA LEU A 105 23.04 11.31 -6.43
C LEU A 105 24.39 11.99 -6.24
N GLU A 106 25.27 11.87 -7.24
CA GLU A 106 26.58 12.51 -7.18
C GLU A 106 26.50 14.02 -7.11
N LEU A 107 25.67 14.60 -7.98
CA LEU A 107 25.42 16.04 -8.01
C LEU A 107 25.04 16.58 -6.63
N LEU A 108 24.15 15.86 -5.97
CA LEU A 108 23.70 16.19 -4.62
C LEU A 108 24.82 16.01 -3.59
N MET A 109 25.51 14.87 -3.63
CA MET A 109 26.67 14.63 -2.74
C MET A 109 27.80 15.68 -2.94
N LEU A 110 28.05 16.09 -4.19
CA LEU A 110 29.06 17.12 -4.51
C LEU A 110 28.66 18.52 -4.04
N ALA A 111 27.35 18.82 -4.06
CA ALA A 111 26.84 20.14 -3.67
C ALA A 111 26.52 20.27 -2.16
N SER A 112 26.74 19.21 -1.38
CA SER A 112 26.40 19.23 0.05
C SER A 112 27.39 20.09 0.83
N GLU A 113 26.96 20.56 2.00
CA GLU A 113 27.80 21.38 2.88
C GLU A 113 28.86 20.54 3.58
N GLU A 114 29.87 21.23 4.10
CA GLU A 114 30.96 20.60 4.86
C GLU A 114 30.46 19.84 6.09
N ASP A 115 29.51 20.44 6.80
CA ASP A 115 28.93 19.84 8.02
C ASP A 115 27.76 18.85 7.78
N GLU A 116 27.47 18.55 6.51
CA GLU A 116 26.33 17.68 6.13
C GLU A 116 26.80 16.46 5.34
N GLU A 117 26.31 15.28 5.73
CA GLU A 117 26.57 14.04 5.00
C GLU A 117 25.27 13.35 4.65
N VAL A 118 25.26 12.64 3.52
CA VAL A 118 24.15 11.80 3.15
C VAL A 118 24.34 10.46 3.84
N SER A 119 23.43 10.12 4.74
CA SER A 119 23.55 8.88 5.51
C SER A 119 23.23 7.66 4.66
N CYS A 120 22.14 7.76 3.91
CA CYS A 120 21.71 6.65 3.08
C CYS A 120 20.66 7.10 2.11
N LEU A 121 20.40 6.21 1.16
CA LEU A 121 19.31 6.30 0.20
C LEU A 121 18.27 5.30 0.66
N ILE A 122 17.00 5.70 0.71
CA ILE A 122 15.90 4.79 0.95
C ILE A 122 15.04 4.77 -0.28
N THR A 123 14.85 3.60 -0.87
CA THR A 123 14.00 3.48 -2.04
C THR A 123 12.90 2.50 -1.78
N ASP A 124 11.86 2.64 -2.59
CA ASP A 124 10.89 1.59 -2.75
C ASP A 124 11.64 0.34 -3.18
N ALA A 125 11.18 -0.80 -2.67
CA ALA A 125 11.74 -2.10 -3.01
C ALA A 125 11.71 -2.39 -4.51
N LEU A 126 10.70 -1.85 -5.19
CA LEU A 126 10.52 -2.05 -6.63
C LEU A 126 11.58 -1.35 -7.48
N TRP A 127 12.31 -0.39 -6.90
CA TRP A 127 13.48 0.21 -7.59
C TRP A 127 14.71 -0.62 -7.28
N TYR A 128 14.70 -1.84 -7.78
CA TYR A 128 15.79 -2.78 -7.57
C TYR A 128 17.08 -2.30 -8.27
N PHE A 129 16.95 -1.50 -9.33
CA PHE A 129 18.12 -0.93 -10.03
C PHE A 129 18.96 -0.02 -9.14
N ALA A 130 18.35 0.55 -8.10
CA ALA A 130 19.03 1.50 -7.24
C ALA A 130 20.12 0.90 -6.36
N GLN A 131 20.11 -0.43 -6.13
CA GLN A 131 21.15 -1.06 -5.31
C GLN A 131 22.55 -0.94 -5.95
N SER A 132 22.68 -1.33 -7.20
CA SER A 132 23.97 -1.21 -7.92
CA SER A 132 23.97 -1.21 -7.91
C SER A 132 24.43 0.24 -8.01
N VAL A 133 23.49 1.14 -8.25
CA VAL A 133 23.81 2.58 -8.30
C VAL A 133 24.37 3.04 -6.95
N ALA A 134 23.67 2.71 -5.87
CA ALA A 134 24.12 3.08 -4.54
C ALA A 134 25.47 2.44 -4.21
N ASP A 135 25.64 1.15 -4.50
CA ASP A 135 26.93 0.46 -4.33
C ASP A 135 28.07 1.18 -5.07
N SER A 136 27.80 1.60 -6.32
CA SER A 136 28.80 2.28 -7.17
C SER A 136 29.27 3.61 -6.59
N LEU A 137 28.49 4.18 -5.69
CA LEU A 137 28.83 5.44 -5.01
C LEU A 137 29.28 5.25 -3.56
N ASN A 138 29.41 4.00 -3.12
CA ASN A 138 29.63 3.67 -1.70
C ASN A 138 28.57 4.34 -0.81
N LEU A 139 27.34 4.27 -1.27
CA LEU A 139 26.18 4.82 -0.58
C LEU A 139 25.35 3.64 -0.12
N ARG A 140 25.00 3.60 1.16
CA ARG A 140 24.10 2.56 1.70
C ARG A 140 22.65 2.78 1.23
N ARG A 141 22.01 1.69 0.79
CA ARG A 141 20.62 1.68 0.39
CA ARG A 141 20.61 1.70 0.41
C ARG A 141 19.80 0.88 1.39
N LEU A 142 18.72 1.47 1.86
CA LEU A 142 17.73 0.74 2.64
C LEU A 142 16.51 0.70 1.76
N VAL A 143 15.68 -0.31 1.98
CA VAL A 143 14.48 -0.55 1.19
C VAL A 143 13.22 -0.33 2.05
N LEU A 144 12.24 0.37 1.52
CA LEU A 144 10.90 0.39 2.11
C LEU A 144 10.01 -0.58 1.34
N MET A 145 9.53 -1.59 2.05
CA MET A 145 8.51 -2.47 1.51
C MET A 145 7.16 -1.80 1.75
N THR A 146 6.39 -1.65 0.70
CA THR A 146 5.06 -1.05 0.82
C THR A 146 3.95 -2.10 0.82
N SER A 147 4.33 -3.37 0.75
CA SER A 147 3.41 -4.47 0.84
C SER A 147 3.84 -5.33 2.04
N SER A 148 3.04 -6.33 2.35
CA SER A 148 3.15 -7.01 3.63
C SER A 148 4.26 -8.06 3.72
N LEU A 149 4.59 -8.45 4.95
CA LEU A 149 5.50 -9.57 5.18
C LEU A 149 4.92 -10.86 4.61
N PHE A 150 3.59 -11.03 4.71
CA PHE A 150 2.93 -12.22 4.18
C PHE A 150 3.12 -12.33 2.67
N ASN A 151 3.02 -11.22 1.99
CA ASN A 151 3.27 -11.17 0.55
C ASN A 151 4.69 -11.49 0.16
N PHE A 152 5.63 -10.96 0.93
CA PHE A 152 7.02 -11.32 0.74
C PHE A 152 7.20 -12.83 0.87
N HIS A 153 6.63 -13.41 1.91
CA HIS A 153 6.69 -14.87 2.10
C HIS A 153 6.17 -15.61 0.86
N ALA A 154 5.00 -15.22 0.34
CA ALA A 154 4.48 -15.80 -0.90
C ALA A 154 5.45 -15.59 -2.09
N HIS A 155 6.00 -14.38 -2.22
CA HIS A 155 6.93 -14.09 -3.33
C HIS A 155 8.12 -15.01 -3.33
N VAL A 156 8.73 -15.23 -2.16
CA VAL A 156 9.89 -16.14 -2.08
C VAL A 156 9.48 -17.60 -2.32
N SER A 157 8.22 -17.93 -2.07
CA SER A 157 7.66 -19.26 -2.36
C SER A 157 7.27 -19.52 -3.82
N LEU A 158 7.42 -18.51 -4.70
CA LEU A 158 7.06 -18.65 -6.12
C LEU A 158 7.66 -19.86 -6.86
N PRO A 159 8.94 -20.19 -6.62
CA PRO A 159 9.50 -21.38 -7.27
C PRO A 159 8.77 -22.68 -6.89
N GLN A 160 8.42 -22.84 -5.60
CA GLN A 160 7.57 -23.94 -5.15
C GLN A 160 6.18 -23.91 -5.81
N PHE A 161 5.58 -22.72 -5.90
CA PHE A 161 4.27 -22.58 -6.57
C PHE A 161 4.37 -22.96 -8.05
N ASP A 162 5.47 -22.56 -8.69
CA ASP A 162 5.71 -22.89 -10.10
C ASP A 162 5.77 -24.41 -10.34
N GLU A 163 6.65 -25.11 -9.62
CA GLU A 163 6.78 -26.57 -9.75
C GLU A 163 5.54 -27.36 -9.33
N LEU A 164 4.77 -26.83 -8.39
CA LEU A 164 3.49 -27.44 -7.99
C LEU A 164 2.36 -27.25 -9.01
N GLY A 165 2.54 -26.39 -10.02
CA GLY A 165 1.56 -26.19 -11.08
C GLY A 165 0.57 -25.06 -10.87
N TYR A 166 0.71 -24.30 -9.78
CA TYR A 166 -0.26 -23.23 -9.45
C TYR A 166 -0.19 -22.02 -10.39
N LEU A 167 0.94 -21.82 -11.05
CA LEU A 167 1.11 -20.67 -11.95
C LEU A 167 0.74 -20.96 -13.41
N ASP A 168 0.26 -22.17 -13.69
CA ASP A 168 -0.36 -22.50 -14.99
C ASP A 168 -1.84 -22.11 -14.94
N PRO A 169 -2.24 -21.04 -15.65
CA PRO A 169 -3.63 -20.59 -15.58
C PRO A 169 -4.65 -21.50 -16.30
N ASP A 170 -4.20 -22.28 -17.28
CA ASP A 170 -5.06 -23.26 -17.98
C ASP A 170 -5.53 -24.38 -17.05
N ASP A 171 -4.71 -24.69 -16.05
CA ASP A 171 -5.10 -25.55 -14.94
C ASP A 171 -6.14 -24.81 -14.10
N LYS A 172 -7.35 -25.37 -14.01
CA LYS A 172 -8.44 -24.79 -13.21
C LYS A 172 -9.00 -25.82 -12.22
N THR A 173 -8.15 -26.78 -11.83
CA THR A 173 -8.46 -27.72 -10.74
C THR A 173 -7.81 -27.24 -9.45
N ARG A 174 -8.36 -27.75 -8.35
CA ARG A 174 -7.85 -27.50 -6.99
C ARG A 174 -7.92 -26.03 -6.55
N LEU A 175 -8.80 -25.23 -7.15
CA LEU A 175 -8.88 -23.79 -6.88
C LEU A 175 -9.25 -23.49 -5.43
N GLU A 176 -10.15 -24.29 -4.88
CA GLU A 176 -10.60 -24.13 -3.49
C GLU A 176 -9.74 -24.87 -2.45
N GLU A 177 -8.76 -25.66 -2.89
CA GLU A 177 -7.86 -26.37 -1.96
C GLU A 177 -6.84 -25.41 -1.36
N GLN A 178 -6.37 -25.76 -0.17
CA GLN A 178 -5.23 -25.07 0.43
C GLN A 178 -4.00 -25.30 -0.43
N ALA A 179 -3.12 -24.31 -0.49
CA ALA A 179 -1.88 -24.44 -1.22
C ALA A 179 -0.94 -25.39 -0.50
N SER A 180 -0.38 -26.35 -1.25
CA SER A 180 0.53 -27.35 -0.70
C SER A 180 1.80 -26.69 -0.19
N GLY A 181 2.15 -26.98 1.06
CA GLY A 181 3.26 -26.31 1.75
C GLY A 181 3.04 -24.85 2.14
N PHE A 182 1.83 -24.31 1.92
CA PHE A 182 1.52 -22.90 2.22
C PHE A 182 0.03 -22.81 2.58
N PRO A 183 -0.38 -23.46 3.69
CA PRO A 183 -1.81 -23.71 3.96
C PRO A 183 -2.70 -22.49 4.23
N MET A 184 -2.11 -21.33 4.56
CA MET A 184 -2.85 -20.06 4.75
C MET A 184 -3.54 -19.53 3.48
N LEU A 185 -3.06 -19.95 2.31
CA LEU A 185 -3.67 -19.56 1.03
C LEU A 185 -4.40 -20.70 0.37
N LYS A 186 -5.40 -20.35 -0.44
CA LYS A 186 -6.01 -21.27 -1.36
C LYS A 186 -5.36 -21.06 -2.72
N VAL A 187 -5.40 -22.09 -3.56
CA VAL A 187 -4.79 -22.05 -4.89
C VAL A 187 -5.31 -20.86 -5.71
N LYS A 188 -6.61 -20.61 -5.65
CA LYS A 188 -7.23 -19.47 -6.36
C LYS A 188 -6.59 -18.13 -5.96
N ASP A 189 -6.17 -17.99 -4.69
CA ASP A 189 -5.50 -16.77 -4.23
C ASP A 189 -4.17 -16.58 -4.97
N ILE A 190 -3.42 -17.68 -5.13
CA ILE A 190 -2.14 -17.68 -5.83
C ILE A 190 -2.34 -17.36 -7.31
N LYS A 191 -3.35 -17.96 -7.92
CA LYS A 191 -3.64 -17.67 -9.32
C LYS A 191 -4.03 -16.21 -9.53
N SER A 192 -4.82 -15.64 -8.61
CA SER A 192 -5.17 -14.23 -8.69
C SER A 192 -3.98 -13.30 -8.46
N ALA A 193 -3.09 -13.68 -7.57
CA ALA A 193 -1.92 -12.85 -7.24
C ALA A 193 -0.86 -12.82 -8.32
N TYR A 194 -0.61 -13.96 -8.94
CA TYR A 194 0.49 -14.12 -9.87
C TYR A 194 0.07 -14.45 -11.30
N SER A 195 -1.09 -15.09 -11.46
CA SER A 195 -1.61 -15.45 -12.77
C SER A 195 -0.53 -16.19 -13.57
N ASN A 196 -0.28 -15.76 -14.81
CA ASN A 196 0.78 -16.31 -15.65
C ASN A 196 1.96 -15.33 -15.80
N TRP A 197 1.88 -14.17 -15.15
CA TRP A 197 2.59 -12.97 -15.61
C TRP A 197 4.09 -13.13 -15.48
N GLN A 198 4.74 -13.32 -16.63
CA GLN A 198 6.18 -13.42 -16.65
C GLN A 198 6.86 -12.13 -16.22
N ILE A 199 6.29 -10.99 -16.61
CA ILE A 199 6.86 -9.70 -16.21
C ILE A 199 6.89 -9.56 -14.68
N LEU A 200 5.83 -10.01 -14.02
CA LEU A 200 5.79 -9.99 -12.57
C LEU A 200 6.85 -10.93 -11.99
N LYS A 201 6.96 -12.14 -12.51
CA LYS A 201 8.00 -13.08 -12.04
C LYS A 201 9.41 -12.49 -12.10
N GLU A 202 9.78 -11.91 -13.24
CA GLU A 202 11.08 -11.26 -13.43
C GLU A 202 11.32 -10.15 -12.41
N ILE A 203 10.33 -9.26 -12.29
CA ILE A 203 10.41 -8.12 -11.39
C ILE A 203 10.50 -8.53 -9.93
N LEU A 204 9.65 -9.46 -9.52
CA LEU A 204 9.68 -9.94 -8.15
C LEU A 204 11.00 -10.60 -7.83
N GLY A 205 11.49 -11.42 -8.76
CA GLY A 205 12.83 -12.01 -8.63
C GLY A 205 13.92 -10.98 -8.36
N LYS A 206 13.93 -9.89 -9.13
CA LYS A 206 14.97 -8.88 -8.98
C LYS A 206 14.77 -8.06 -7.72
N MET A 207 13.51 -7.69 -7.45
CA MET A 207 13.15 -6.98 -6.23
C MET A 207 13.63 -7.75 -5.01
N ILE A 208 13.40 -9.07 -4.99
CA ILE A 208 13.81 -9.91 -3.87
C ILE A 208 15.33 -9.94 -3.77
N LYS A 209 16.01 -10.17 -4.89
CA LYS A 209 17.46 -10.27 -4.89
C LYS A 209 18.12 -8.99 -4.38
N GLN A 210 17.65 -7.84 -4.87
CA GLN A 210 18.23 -6.58 -4.44
C GLN A 210 17.77 -6.09 -3.06
N THR A 211 16.62 -6.56 -2.60
CA THR A 211 16.23 -6.38 -1.20
C THR A 211 17.17 -7.13 -0.24
N LYS A 212 17.44 -8.40 -0.54
CA LYS A 212 18.43 -9.20 0.19
C LYS A 212 19.83 -8.59 0.22
N ALA A 213 20.23 -7.94 -0.87
CA ALA A 213 21.52 -7.25 -0.98
C ALA A 213 21.56 -5.87 -0.32
N SER A 214 20.42 -5.34 0.12
CA SER A 214 20.36 -3.98 0.71
C SER A 214 20.95 -3.93 2.10
N SER A 215 21.04 -2.73 2.67
CA SER A 215 21.59 -2.56 4.02
C SER A 215 20.52 -2.59 5.12
N GLY A 216 19.26 -2.77 4.74
CA GLY A 216 18.18 -2.83 5.70
C GLY A 216 16.82 -2.67 5.05
N VAL A 217 15.80 -3.22 5.69
CA VAL A 217 14.49 -3.27 5.12
C VAL A 217 13.50 -2.76 6.12
N ILE A 218 12.72 -1.76 5.71
CA ILE A 218 11.74 -1.15 6.55
C ILE A 218 10.42 -1.67 6.04
N TRP A 219 9.60 -2.20 6.94
CA TRP A 219 8.34 -2.79 6.57
C TRP A 219 7.26 -1.91 7.16
N ASN A 220 6.26 -1.55 6.35
CA ASN A 220 5.12 -0.81 6.80
C ASN A 220 4.12 -1.83 7.38
N SER A 221 4.30 -2.15 8.65
CA SER A 221 3.60 -3.25 9.30
C SER A 221 3.89 -3.17 10.79
N PHE A 222 3.31 -4.06 11.58
CA PHE A 222 3.79 -4.23 12.94
C PHE A 222 3.81 -5.71 13.29
N LYS A 223 4.65 -6.05 14.24
CA LYS A 223 4.96 -7.45 14.57
C LYS A 223 3.71 -8.26 14.88
N GLU A 224 2.79 -7.66 15.63
CA GLU A 224 1.62 -8.36 16.13
C GLU A 224 0.59 -8.50 15.02
N LEU A 225 0.81 -7.83 13.89
CA LEU A 225 -0.01 -7.99 12.72
C LEU A 225 0.34 -9.24 11.94
N GLU A 226 1.64 -9.52 11.82
CA GLU A 226 2.14 -10.54 10.90
C GLU A 226 3.19 -11.42 11.55
N GLU A 227 2.91 -11.82 12.77
CA GLU A 227 3.92 -12.51 13.58
C GLU A 227 4.32 -13.84 12.96
N SER A 228 3.39 -14.54 12.32
CA SER A 228 3.69 -15.80 11.59
C SER A 228 4.72 -15.68 10.45
N GLU A 229 4.88 -14.47 9.93
CA GLU A 229 5.74 -14.18 8.78
C GLU A 229 7.14 -13.70 9.13
N LEU A 230 7.40 -13.46 10.40
CA LEU A 230 8.64 -12.83 10.85
C LEU A 230 9.87 -13.71 10.67
N GLU A 231 9.75 -15.01 10.97
N GLU A 231 9.72 -15.00 11.00
CA GLU A 231 10.88 -15.93 10.80
CA GLU A 231 10.78 -16.00 10.80
C GLU A 231 11.36 -16.03 9.34
C GLU A 231 11.33 -16.02 9.37
N THR A 232 10.41 -16.03 8.39
CA THR A 232 10.75 -16.00 6.95
C THR A 232 11.61 -14.79 6.59
N VAL A 233 11.20 -13.61 7.05
CA VAL A 233 11.95 -12.39 6.78
C VAL A 233 13.35 -12.41 7.39
N ILE A 234 13.45 -12.85 8.64
CA ILE A 234 14.73 -12.95 9.32
C ILE A 234 15.64 -13.97 8.63
N ARG A 235 15.06 -15.07 8.18
CA ARG A 235 15.81 -16.09 7.44
C ARG A 235 16.22 -15.61 6.04
N GLU A 236 15.32 -14.96 5.32
CA GLU A 236 15.59 -14.60 3.91
C GLU A 236 16.43 -13.34 3.73
N ILE A 237 16.34 -12.40 4.66
CA ILE A 237 17.02 -11.11 4.50
C ILE A 237 18.11 -10.94 5.55
N PRO A 238 19.40 -10.96 5.14
CA PRO A 238 20.46 -10.85 6.14
C PRO A 238 20.57 -9.48 6.83
N ALA A 239 20.17 -8.40 6.15
CA ALA A 239 20.19 -7.08 6.76
C ALA A 239 19.07 -6.97 7.79
N PRO A 240 19.17 -5.99 8.72
CA PRO A 240 18.08 -5.85 9.68
C PRO A 240 16.75 -5.41 9.05
N SER A 241 15.66 -5.91 9.63
CA SER A 241 14.30 -5.53 9.27
C SER A 241 13.70 -4.72 10.40
N PHE A 242 12.92 -3.70 10.03
CA PHE A 242 12.35 -2.77 10.98
C PHE A 242 10.87 -2.70 10.65
N LEU A 243 10.00 -2.99 11.61
CA LEU A 243 8.54 -3.03 11.36
C LEU A 243 7.93 -1.82 11.99
N ILE A 244 7.53 -0.84 11.17
CA ILE A 244 7.00 0.42 11.63
C ILE A 244 5.65 0.63 10.93
N PRO A 245 4.55 0.73 11.68
CA PRO A 245 3.24 0.90 11.07
C PRO A 245 3.01 2.39 10.86
N LEU A 246 3.32 2.82 9.67
CA LEU A 246 3.34 4.26 9.35
C LEU A 246 2.02 5.00 9.62
N PRO A 247 0.87 4.39 9.32
CA PRO A 247 -0.38 5.11 9.63
C PRO A 247 -0.60 5.45 11.12
N LYS A 248 0.07 4.76 12.04
CA LYS A 248 0.01 5.11 13.45
C LYS A 248 0.82 6.34 13.78
N HIS A 249 1.80 6.67 12.95
CA HIS A 249 2.58 7.88 13.16
C HIS A 249 1.92 9.12 12.57
N LEU A 250 1.37 9.01 11.35
CA LEU A 250 0.68 10.11 10.72
C LEU A 250 -0.11 9.62 9.52
N THR A 251 -1.15 10.36 9.16
CA THR A 251 -1.89 10.05 7.95
C THR A 251 -1.08 10.51 6.71
N ALA A 252 -1.48 10.00 5.56
CA ALA A 252 -0.88 10.33 4.27
C ALA A 252 -1.60 11.46 3.52
N SER A 253 -2.35 12.29 4.24
N SER A 253 -2.36 12.28 4.24
CA SER A 253 -3.16 13.35 3.66
CA SER A 253 -3.18 13.30 3.60
C SER A 253 -2.35 14.30 2.77
C SER A 253 -2.36 14.33 2.79
N SER A 254 -1.14 14.64 3.23
CA SER A 254 -0.31 15.63 2.52
C SER A 254 0.21 15.13 1.17
N SER A 255 0.25 13.83 0.95
CA SER A 255 0.78 13.28 -0.29
C SER A 255 -0.29 12.85 -1.28
N SER A 256 -1.54 13.25 -1.02
CA SER A 256 -2.63 12.93 -1.94
C SER A 256 -2.36 13.54 -3.32
N LEU A 257 -2.60 12.75 -4.36
CA LEU A 257 -2.43 13.21 -5.73
C LEU A 257 -3.71 13.82 -6.31
N LEU A 258 -4.82 13.74 -5.57
CA LEU A 258 -6.09 14.28 -6.01
C LEU A 258 -6.63 15.22 -4.93
N ASP A 259 -7.51 16.13 -5.34
CA ASP A 259 -8.15 17.05 -4.38
C ASP A 259 -9.11 16.27 -3.48
N HIS A 260 -9.09 16.59 -2.20
CA HIS A 260 -10.00 15.97 -1.25
C HIS A 260 -11.40 16.58 -1.32
N ASP A 261 -12.41 15.72 -1.24
CA ASP A 261 -13.75 16.19 -0.94
C ASP A 261 -13.89 16.16 0.58
N ARG A 262 -13.66 17.29 1.22
CA ARG A 262 -13.84 17.39 2.68
C ARG A 262 -15.28 17.70 3.12
N THR A 263 -16.21 17.98 2.18
CA THR A 263 -17.67 18.10 2.50
C THR A 263 -18.24 16.81 3.10
N VAL A 264 -17.52 15.70 2.94
CA VAL A 264 -17.93 14.44 3.54
C VAL A 264 -18.03 14.49 5.08
N PHE A 265 -17.20 15.32 5.72
CA PHE A 265 -17.18 15.33 7.18
C PHE A 265 -18.45 15.89 7.79
N GLN A 266 -19.03 16.92 7.16
CA GLN A 266 -20.33 17.47 7.58
C GLN A 266 -21.44 16.42 7.52
N TRP A 267 -21.37 15.54 6.53
CA TRP A 267 -22.34 14.46 6.35
C TRP A 267 -22.09 13.34 7.35
N LEU A 268 -20.82 12.96 7.52
CA LEU A 268 -20.46 11.99 8.56
C LEU A 268 -20.92 12.42 9.95
N ASP A 269 -20.81 13.72 10.26
CA ASP A 269 -21.26 14.29 11.54
C ASP A 269 -22.79 14.19 11.78
N GLN A 270 -23.56 13.89 10.73
CA GLN A 270 -24.99 13.66 10.85
C GLN A 270 -25.37 12.20 10.98
N GLN A 271 -24.41 11.30 11.12
CA GLN A 271 -24.71 9.87 11.15
C GLN A 271 -24.49 9.31 12.55
N PRO A 272 -25.33 8.33 12.96
CA PRO A 272 -25.06 7.65 14.22
C PRO A 272 -23.70 6.92 14.23
N PRO A 273 -23.14 6.68 15.43
CA PRO A 273 -21.84 5.96 15.51
C PRO A 273 -21.87 4.58 14.84
N SER A 274 -20.79 4.23 14.14
CA SER A 274 -20.63 2.93 13.47
C SER A 274 -21.74 2.53 12.50
N SER A 275 -22.40 3.51 11.90
CA SER A 275 -23.54 3.27 11.02
C SER A 275 -23.18 3.42 9.53
N VAL A 276 -21.94 3.82 9.21
CA VAL A 276 -21.57 4.12 7.82
C VAL A 276 -20.56 3.10 7.29
N LEU A 277 -20.89 2.50 6.15
CA LEU A 277 -19.93 1.74 5.36
C LEU A 277 -19.15 2.68 4.46
N TYR A 278 -17.84 2.71 4.67
CA TYR A 278 -16.94 3.41 3.75
C TYR A 278 -16.50 2.41 2.69
N VAL A 279 -16.57 2.84 1.43
CA VAL A 279 -16.26 2.00 0.29
C VAL A 279 -15.26 2.72 -0.60
N SER A 280 -14.14 2.09 -0.87
CA SER A 280 -13.17 2.62 -1.81
C SER A 280 -12.32 1.49 -2.32
N PHE A 281 -12.15 1.43 -3.64
CA PHE A 281 -11.28 0.44 -4.26
C PHE A 281 -9.90 1.01 -4.70
N GLY A 282 -9.42 2.04 -3.99
CA GLY A 282 -8.03 2.52 -4.08
C GLY A 282 -7.78 3.52 -5.19
N SER A 283 -6.53 3.56 -5.63
CA SER A 283 -6.05 4.60 -6.56
C SER A 283 -5.89 4.20 -8.03
N THR A 284 -5.84 2.91 -8.34
N THR A 284 -5.83 2.90 -8.34
CA THR A 284 -5.65 2.46 -9.74
CA THR A 284 -5.63 2.43 -9.73
C THR A 284 -6.67 1.45 -10.30
C THR A 284 -6.73 1.52 -10.30
N SER A 285 -7.52 0.88 -9.45
CA SER A 285 -8.49 -0.16 -9.89
C SER A 285 -9.59 0.37 -10.82
N GLU A 286 -10.09 -0.52 -11.66
CA GLU A 286 -11.15 -0.23 -12.62
C GLU A 286 -12.09 -1.44 -12.72
N VAL A 287 -13.36 -1.18 -13.00
CA VAL A 287 -14.37 -2.24 -13.19
C VAL A 287 -15.16 -2.01 -14.49
N ASP A 288 -15.79 -3.08 -14.95
CA ASP A 288 -16.74 -3.00 -16.06
C ASP A 288 -18.01 -2.33 -15.56
N GLU A 289 -18.77 -1.75 -16.49
CA GLU A 289 -20.05 -1.10 -16.18
C GLU A 289 -21.00 -2.06 -15.45
N LYS A 290 -21.04 -3.31 -15.89
CA LYS A 290 -21.90 -4.33 -15.26
C LYS A 290 -21.60 -4.49 -13.77
N ASP A 291 -20.33 -4.62 -13.43
CA ASP A 291 -19.90 -4.81 -12.04
C ASP A 291 -20.13 -3.58 -11.18
N PHE A 292 -19.83 -2.39 -11.71
CA PHE A 292 -20.11 -1.11 -11.04
C PHE A 292 -21.57 -1.02 -10.63
N LEU A 293 -22.46 -1.45 -11.53
CA LEU A 293 -23.89 -1.46 -11.26
C LEU A 293 -24.30 -2.52 -10.24
N GLU A 294 -23.67 -3.69 -10.29
CA GLU A 294 -23.93 -4.73 -9.29
C GLU A 294 -23.48 -4.30 -7.87
N ILE A 295 -22.34 -3.61 -7.79
CA ILE A 295 -21.84 -3.07 -6.51
C ILE A 295 -22.85 -2.06 -5.94
N ALA A 296 -23.28 -1.13 -6.78
CA ALA A 296 -24.28 -0.14 -6.38
C ALA A 296 -25.56 -0.76 -5.81
N ARG A 297 -26.02 -1.82 -6.45
CA ARG A 297 -27.22 -2.54 -6.02
C ARG A 297 -27.02 -3.26 -4.69
N GLY A 298 -25.86 -3.87 -4.50
CA GLY A 298 -25.50 -4.49 -3.21
C GLY A 298 -25.51 -3.48 -2.07
N LEU A 299 -24.88 -2.32 -2.32
CA LEU A 299 -24.88 -1.21 -1.37
C LEU A 299 -26.28 -0.75 -0.96
N VAL A 300 -27.15 -0.64 -1.96
CA VAL A 300 -28.56 -0.27 -1.75
C VAL A 300 -29.30 -1.39 -0.99
N ASP A 301 -29.19 -2.62 -1.47
CA ASP A 301 -29.79 -3.80 -0.82
C ASP A 301 -29.38 -4.01 0.64
N SER A 302 -28.19 -3.56 1.01
CA SER A 302 -27.69 -3.73 2.39
C SER A 302 -28.47 -2.91 3.41
N LYS A 303 -29.09 -1.83 2.93
CA LYS A 303 -29.86 -0.89 3.75
C LYS A 303 -29.00 -0.07 4.72
N GLN A 304 -27.67 -0.13 4.59
CA GLN A 304 -26.78 0.63 5.45
C GLN A 304 -26.44 1.94 4.75
N SER A 305 -26.14 2.96 5.54
CA SER A 305 -25.57 4.20 5.01
C SER A 305 -24.20 3.91 4.47
N PHE A 306 -23.84 4.59 3.38
CA PHE A 306 -22.53 4.41 2.81
C PHE A 306 -21.96 5.67 2.19
N LEU A 307 -20.63 5.73 2.23
CA LEU A 307 -19.86 6.76 1.58
C LEU A 307 -18.95 6.02 0.64
N TRP A 308 -19.18 6.23 -0.65
CA TRP A 308 -18.50 5.48 -1.68
C TRP A 308 -17.61 6.43 -2.46
N VAL A 309 -16.31 6.22 -2.34
CA VAL A 309 -15.35 6.91 -3.18
C VAL A 309 -15.26 6.17 -4.49
N VAL A 310 -15.67 6.84 -5.57
CA VAL A 310 -15.50 6.34 -6.92
C VAL A 310 -14.56 7.31 -7.61
N ARG A 311 -13.35 6.84 -7.88
CA ARG A 311 -12.30 7.66 -8.48
C ARG A 311 -12.68 7.82 -9.95
N PRO A 312 -12.52 9.05 -10.51
CA PRO A 312 -12.82 9.19 -11.94
C PRO A 312 -11.95 8.25 -12.75
N GLY A 313 -12.60 7.52 -13.67
CA GLY A 313 -11.93 6.45 -14.39
C GLY A 313 -12.11 5.06 -13.79
N PHE A 314 -12.72 4.97 -12.61
CA PHE A 314 -13.04 3.66 -12.00
C PHE A 314 -13.96 2.81 -12.88
N VAL A 315 -14.91 3.44 -13.55
CA VAL A 315 -15.86 2.70 -14.37
C VAL A 315 -15.36 2.71 -15.81
N LYS A 316 -15.08 1.53 -16.35
CA LYS A 316 -14.60 1.41 -17.72
C LYS A 316 -15.74 1.77 -18.69
N GLY A 317 -15.54 2.89 -19.39
CA GLY A 317 -16.53 3.46 -20.30
C GLY A 317 -17.01 4.85 -19.93
N SER A 318 -16.78 5.29 -18.68
CA SER A 318 -17.39 6.52 -18.19
C SER A 318 -16.39 7.44 -17.47
N THR A 319 -16.59 8.76 -17.62
CA THR A 319 -15.74 9.78 -17.01
C THR A 319 -15.71 9.65 -15.49
N TRP A 320 -16.89 9.41 -14.93
CA TRP A 320 -17.06 9.16 -13.51
C TRP A 320 -18.16 8.12 -13.28
N VAL A 321 -19.40 8.53 -13.05
CA VAL A 321 -20.46 7.61 -12.59
C VAL A 321 -21.77 7.79 -13.36
N GLU A 322 -21.64 8.05 -14.66
CA GLU A 322 -22.76 8.29 -15.58
C GLU A 322 -23.76 7.14 -15.73
N PRO A 323 -23.31 5.85 -15.66
CA PRO A 323 -24.29 4.77 -15.73
C PRO A 323 -25.24 4.69 -14.52
N LEU A 324 -24.85 5.31 -13.40
CA LEU A 324 -25.67 5.31 -12.20
C LEU A 324 -26.91 6.22 -12.36
N PRO A 325 -28.13 5.68 -12.18
CA PRO A 325 -29.32 6.54 -12.25
C PRO A 325 -29.34 7.68 -11.21
N ASP A 326 -29.86 8.84 -11.60
CA ASP A 326 -29.97 10.02 -10.74
C ASP A 326 -30.85 9.72 -9.51
N GLY A 327 -30.25 9.77 -8.31
CA GLY A 327 -30.96 9.48 -7.06
C GLY A 327 -30.98 8.02 -6.64
N PHE A 328 -30.30 7.15 -7.38
CA PHE A 328 -30.24 5.69 -7.09
C PHE A 328 -29.73 5.34 -5.67
N LEU A 329 -28.91 6.21 -5.08
CA LEU A 329 -28.35 5.97 -3.76
C LEU A 329 -29.26 6.34 -2.58
N GLY A 330 -30.42 6.96 -2.85
CA GLY A 330 -31.38 7.30 -1.79
C GLY A 330 -30.88 8.32 -0.78
N GLU A 331 -31.40 8.25 0.44
CA GLU A 331 -30.97 9.13 1.54
C GLU A 331 -29.65 8.65 2.10
N ARG A 332 -29.43 7.33 1.98
CA ARG A 332 -28.42 6.62 2.76
C ARG A 332 -27.00 6.71 2.19
N GLY A 333 -26.89 6.92 0.88
CA GLY A 333 -25.62 6.81 0.18
C GLY A 333 -25.12 8.11 -0.40
N ARG A 334 -23.80 8.30 -0.37
N ARG A 334 -23.80 8.27 -0.40
CA ARG A 334 -23.15 9.41 -1.04
CA ARG A 334 -23.13 9.40 -1.01
C ARG A 334 -21.97 8.87 -1.83
C ARG A 334 -21.97 8.86 -1.83
N ILE A 335 -21.76 9.41 -3.02
CA ILE A 335 -20.60 9.12 -3.85
C ILE A 335 -19.75 10.38 -3.95
N VAL A 336 -18.44 10.22 -3.76
CA VAL A 336 -17.48 11.30 -3.96
C VAL A 336 -16.28 10.78 -4.75
N LYS A 337 -15.44 11.70 -5.21
CA LYS A 337 -14.29 11.37 -6.04
C LYS A 337 -13.08 10.94 -5.26
N TRP A 338 -12.91 11.51 -4.06
CA TRP A 338 -11.68 11.32 -3.31
C TRP A 338 -11.82 11.97 -1.96
N VAL A 339 -11.28 11.33 -0.92
CA VAL A 339 -11.37 11.84 0.46
C VAL A 339 -10.01 11.70 1.15
N PRO A 340 -9.84 12.27 2.35
CA PRO A 340 -8.68 11.89 3.17
C PRO A 340 -9.02 10.60 3.88
N GLN A 341 -8.61 9.49 3.30
CA GLN A 341 -9.16 8.19 3.66
C GLN A 341 -8.93 7.84 5.13
N GLN A 342 -7.71 8.01 5.62
CA GLN A 342 -7.47 7.64 7.04
C GLN A 342 -8.28 8.49 8.01
N GLU A 343 -8.41 9.78 7.71
CA GLU A 343 -9.22 10.67 8.52
C GLU A 343 -10.71 10.25 8.50
N VAL A 344 -11.19 9.77 7.36
CA VAL A 344 -12.54 9.25 7.25
C VAL A 344 -12.69 7.97 8.09
N LEU A 345 -11.73 7.07 7.95
CA LEU A 345 -11.71 5.83 8.73
C LEU A 345 -11.66 6.09 10.23
N ALA A 346 -11.02 7.18 10.65
CA ALA A 346 -11.00 7.57 12.07
C ALA A 346 -12.31 8.18 12.60
N HIS A 347 -13.20 8.62 11.71
CA HIS A 347 -14.46 9.22 12.15
C HIS A 347 -15.36 8.18 12.83
N GLY A 348 -16.02 8.63 13.89
CA GLY A 348 -16.91 7.79 14.70
C GLY A 348 -18.09 7.18 13.96
N ALA A 349 -18.50 7.78 12.86
CA ALA A 349 -19.62 7.27 12.06
C ALA A 349 -19.28 5.97 11.32
N ILE A 350 -17.98 5.70 11.06
CA ILE A 350 -17.62 4.55 10.23
C ILE A 350 -17.72 3.26 11.01
N GLY A 351 -18.51 2.32 10.48
CA GLY A 351 -18.68 0.99 11.05
C GLY A 351 -17.91 -0.11 10.32
N ALA A 352 -17.60 0.08 9.05
CA ALA A 352 -16.89 -0.91 8.26
C ALA A 352 -16.33 -0.27 7.01
N PHE A 353 -15.40 -0.99 6.38
CA PHE A 353 -14.68 -0.51 5.22
C PHE A 353 -14.68 -1.63 4.19
N TRP A 354 -15.39 -1.39 3.09
CA TRP A 354 -15.33 -2.27 1.93
C TRP A 354 -14.15 -1.81 1.09
N THR A 355 -13.10 -2.63 1.08
CA THR A 355 -11.81 -2.30 0.51
C THR A 355 -11.46 -3.26 -0.62
N HIS A 356 -10.58 -2.80 -1.52
CA HIS A 356 -9.95 -3.65 -2.53
C HIS A 356 -8.74 -4.39 -1.98
N SER A 357 -8.43 -4.19 -0.70
CA SER A 357 -7.37 -4.93 0.00
C SER A 357 -5.98 -4.52 -0.40
N GLY A 358 -5.82 -3.29 -0.89
CA GLY A 358 -4.50 -2.68 -1.06
C GLY A 358 -3.89 -2.57 0.32
N TRP A 359 -2.58 -2.70 0.40
CA TRP A 359 -1.97 -2.77 1.71
C TRP A 359 -2.12 -1.51 2.55
N ASN A 360 -1.95 -0.32 1.95
CA ASN A 360 -2.10 0.91 2.73
C ASN A 360 -3.50 1.03 3.28
N SER A 361 -4.49 0.71 2.46
CA SER A 361 -5.88 0.79 2.91
C SER A 361 -6.18 -0.19 4.04
N THR A 362 -5.64 -1.40 3.90
CA THR A 362 -5.84 -2.46 4.88
C THR A 362 -5.17 -2.05 6.19
N LEU A 363 -3.94 -1.57 6.12
CA LEU A 363 -3.22 -1.19 7.32
C LEU A 363 -3.85 0.02 7.99
N GLU A 364 -4.30 0.99 7.19
CA GLU A 364 -5.02 2.14 7.71
C GLU A 364 -6.28 1.73 8.50
N SER A 365 -7.03 0.77 7.95
CA SER A 365 -8.26 0.32 8.56
C SER A 365 -7.95 -0.38 9.88
N VAL A 366 -6.94 -1.25 9.84
CA VAL A 366 -6.45 -1.93 11.05
C VAL A 366 -6.06 -0.93 12.14
N CYS A 367 -5.32 0.10 11.76
CA CYS A 367 -4.84 1.08 12.68
C CYS A 367 -5.94 2.00 13.24
N GLU A 368 -7.08 2.08 12.55
CA GLU A 368 -8.25 2.80 13.04
C GLU A 368 -9.34 1.89 13.61
N GLY A 369 -9.10 0.58 13.63
CA GLY A 369 -10.00 -0.34 14.29
C GLY A 369 -11.27 -0.61 13.51
N VAL A 370 -11.20 -0.50 12.19
CA VAL A 370 -12.38 -0.61 11.36
C VAL A 370 -12.37 -1.98 10.70
N PRO A 371 -13.40 -2.80 10.96
CA PRO A 371 -13.48 -4.11 10.31
C PRO A 371 -13.80 -3.96 8.82
N MET A 372 -13.51 -5.00 8.04
CA MET A 372 -13.47 -4.89 6.61
C MET A 372 -14.32 -5.88 5.86
N ILE A 373 -14.76 -5.47 4.67
CA ILE A 373 -15.24 -6.38 3.63
C ILE A 373 -14.15 -6.29 2.54
N PHE A 374 -13.70 -7.44 2.04
CA PHE A 374 -12.64 -7.47 1.02
C PHE A 374 -13.13 -7.88 -0.34
N SER A 375 -12.79 -7.05 -1.33
CA SER A 375 -12.72 -7.47 -2.72
C SER A 375 -11.24 -7.40 -3.09
N ASP A 376 -10.91 -7.81 -4.30
CA ASP A 376 -9.53 -7.73 -4.75
C ASP A 376 -9.46 -7.62 -6.28
N PHE A 377 -8.36 -7.04 -6.75
CA PHE A 377 -8.08 -6.91 -8.18
C PHE A 377 -6.71 -7.50 -8.49
N GLY A 378 -6.32 -8.58 -7.82
CA GLY A 378 -5.06 -9.25 -8.12
C GLY A 378 -3.84 -8.68 -7.40
N LEU A 379 -2.67 -9.17 -7.78
CA LEU A 379 -1.40 -8.82 -7.16
C LEU A 379 -1.42 -9.18 -5.67
N ASP A 380 -0.96 -8.29 -4.79
CA ASP A 380 -0.94 -8.58 -3.36
C ASP A 380 -2.34 -8.59 -2.71
N GLN A 381 -3.34 -8.03 -3.39
CA GLN A 381 -4.65 -7.84 -2.78
C GLN A 381 -5.38 -9.12 -2.29
N PRO A 382 -5.45 -10.19 -3.11
CA PRO A 382 -6.06 -11.44 -2.59
C PRO A 382 -5.35 -12.03 -1.38
N LEU A 383 -4.02 -11.87 -1.30
CA LEU A 383 -3.25 -12.38 -0.17
C LEU A 383 -3.57 -11.57 1.09
N ASN A 384 -3.60 -10.25 0.96
CA ASN A 384 -3.98 -9.37 2.06
C ASN A 384 -5.39 -9.72 2.55
N ALA A 385 -6.32 -9.89 1.62
CA ALA A 385 -7.69 -10.24 1.94
C ALA A 385 -7.76 -11.57 2.67
N ARG A 386 -7.04 -12.56 2.19
CA ARG A 386 -7.07 -13.90 2.77
C ARG A 386 -6.51 -13.86 4.18
N TYR A 387 -5.35 -13.21 4.34
CA TYR A 387 -4.70 -13.11 5.64
C TYR A 387 -5.55 -12.37 6.69
N MET A 388 -6.13 -11.25 6.29
CA MET A 388 -6.97 -10.48 7.19
C MET A 388 -8.28 -11.17 7.53
N SER A 389 -8.87 -11.86 6.56
CA SER A 389 -10.14 -12.53 6.76
C SER A 389 -10.01 -13.86 7.52
N ASP A 390 -8.97 -14.65 7.23
CA ASP A 390 -8.83 -16.00 7.79
C ASP A 390 -7.85 -16.13 8.95
N VAL A 391 -6.82 -15.28 9.01
CA VAL A 391 -5.84 -15.40 10.08
C VAL A 391 -6.21 -14.44 11.18
N LEU A 392 -6.23 -13.14 10.86
CA LEU A 392 -6.60 -12.15 11.86
C LEU A 392 -8.09 -12.12 12.17
N LYS A 393 -8.92 -12.47 11.19
CA LYS A 393 -10.39 -12.45 11.27
C LYS A 393 -10.94 -11.06 11.62
N VAL A 394 -10.54 -10.07 10.82
CA VAL A 394 -11.00 -8.69 10.95
C VAL A 394 -11.85 -8.27 9.74
N GLY A 395 -12.29 -9.21 8.96
CA GLY A 395 -13.23 -8.91 7.92
C GLY A 395 -13.72 -10.12 7.18
N VAL A 396 -14.59 -9.87 6.22
CA VAL A 396 -15.21 -10.89 5.40
C VAL A 396 -14.73 -10.73 3.96
N TYR A 397 -14.33 -11.85 3.34
CA TYR A 397 -13.76 -11.81 2.00
C TYR A 397 -14.81 -12.23 0.98
N LEU A 398 -15.21 -11.29 0.12
CA LEU A 398 -16.08 -11.58 -1.03
C LEU A 398 -15.20 -12.13 -2.15
N GLU A 399 -14.99 -13.44 -2.12
CA GLU A 399 -13.93 -14.06 -2.92
C GLU A 399 -14.43 -14.70 -4.24
N ASN A 400 -15.70 -14.45 -4.60
CA ASN A 400 -16.33 -15.05 -5.79
C ASN A 400 -17.05 -14.00 -6.65
N GLY A 401 -16.43 -12.85 -6.86
CA GLY A 401 -17.00 -11.79 -7.69
C GLY A 401 -17.95 -10.83 -6.98
N TRP A 402 -18.88 -10.28 -7.77
CA TRP A 402 -19.87 -9.32 -7.28
C TRP A 402 -21.27 -9.84 -7.54
N GLU A 403 -22.00 -10.13 -6.48
CA GLU A 403 -23.42 -10.45 -6.56
C GLU A 403 -24.10 -9.71 -5.41
N ARG A 404 -25.20 -9.01 -5.71
CA ARG A 404 -25.85 -8.09 -4.76
C ARG A 404 -26.23 -8.73 -3.43
N GLY A 405 -26.76 -9.94 -3.49
CA GLY A 405 -27.12 -10.73 -2.30
C GLY A 405 -25.94 -11.00 -1.40
N GLU A 406 -24.85 -11.46 -2.00
CA GLU A 406 -23.59 -11.73 -1.29
C GLU A 406 -23.02 -10.44 -0.68
N ILE A 407 -23.03 -9.36 -1.45
CA ILE A 407 -22.53 -8.05 -1.00
C ILE A 407 -23.36 -7.55 0.18
N ALA A 408 -24.68 -7.58 0.02
CA ALA A 408 -25.58 -7.16 1.08
C ALA A 408 -25.40 -7.98 2.37
N ASN A 409 -25.28 -9.30 2.26
CA ASN A 409 -25.07 -10.17 3.43
C ASN A 409 -23.76 -9.87 4.16
N ALA A 410 -22.70 -9.63 3.39
CA ALA A 410 -21.39 -9.36 3.98
C ALA A 410 -21.38 -8.02 4.70
N ILE A 411 -22.00 -7.00 4.11
CA ILE A 411 -22.06 -5.67 4.73
C ILE A 411 -22.82 -5.76 6.04
N ARG A 412 -23.97 -6.43 5.99
CA ARG A 412 -24.79 -6.61 7.18
C ARG A 412 -24.08 -7.45 8.26
N ARG A 413 -23.40 -8.52 7.84
CA ARG A 413 -22.65 -9.37 8.79
C ARG A 413 -21.63 -8.57 9.59
N VAL A 414 -20.84 -7.75 8.90
CA VAL A 414 -19.80 -6.98 9.56
C VAL A 414 -20.38 -5.84 10.39
N MET A 415 -21.37 -5.14 9.86
CA MET A 415 -21.85 -3.93 10.52
C MET A 415 -22.94 -4.10 11.55
N VAL A 416 -23.87 -5.03 11.34
CA VAL A 416 -25.07 -5.11 12.18
C VAL A 416 -25.30 -6.47 12.88
N ASP A 417 -25.09 -7.57 12.18
CA ASP A 417 -25.42 -8.91 12.71
C ASP A 417 -24.66 -9.19 14.01
N GLU A 418 -25.35 -9.79 14.97
CA GLU A 418 -24.70 -10.29 16.20
C GLU A 418 -23.62 -11.32 15.87
N GLU A 419 -23.85 -12.08 14.80
CA GLU A 419 -22.90 -13.07 14.28
C GLU A 419 -21.54 -12.48 13.87
N GLY A 420 -21.51 -11.19 13.49
CA GLY A 420 -20.28 -10.51 13.15
C GLY A 420 -19.61 -9.76 14.30
N GLU A 421 -20.18 -9.83 15.51
CA GLU A 421 -19.59 -9.14 16.66
C GLU A 421 -18.12 -9.52 16.87
N TYR A 422 -17.76 -10.78 16.70
CA TYR A 422 -16.35 -11.19 16.87
C TYR A 422 -15.38 -10.48 15.91
N ILE A 423 -15.84 -10.21 14.69
CA ILE A 423 -15.05 -9.49 13.69
C ILE A 423 -14.82 -8.03 14.13
N ARG A 424 -15.89 -7.39 14.62
CA ARG A 424 -15.82 -6.01 15.07
C ARG A 424 -14.87 -5.95 16.27
N GLN A 425 -15.00 -6.92 17.16
CA GLN A 425 -14.13 -7.00 18.34
C GLN A 425 -12.68 -7.26 17.95
N ASN A 426 -12.46 -8.15 16.99
CA ASN A 426 -11.10 -8.43 16.53
C ASN A 426 -10.43 -7.18 15.97
N ALA A 427 -11.21 -6.36 15.28
CA ALA A 427 -10.69 -5.13 14.69
C ALA A 427 -10.35 -4.13 15.80
N ARG A 428 -11.20 -4.01 16.82
CA ARG A 428 -10.92 -3.13 17.97
C ARG A 428 -9.62 -3.53 18.69
N VAL A 429 -9.47 -4.82 18.96
CA VAL A 429 -8.30 -5.35 19.67
C VAL A 429 -7.02 -5.20 18.83
N LEU A 430 -7.12 -5.41 17.53
CA LEU A 430 -5.96 -5.26 16.66
C LEU A 430 -5.46 -3.79 16.61
N LYS A 431 -6.39 -2.85 16.59
CA LYS A 431 -6.03 -1.44 16.76
C LYS A 431 -5.27 -1.21 18.07
N GLN A 432 -5.74 -1.81 19.15
CA GLN A 432 -5.11 -1.60 20.44
C GLN A 432 -3.68 -2.17 20.44
N LYS A 433 -3.50 -3.32 19.79
CA LYS A 433 -2.15 -3.89 19.65
C LYS A 433 -1.25 -3.01 18.84
N ALA A 434 -1.79 -2.40 17.78
CA ALA A 434 -1.00 -1.40 17.04
C ALA A 434 -0.58 -0.24 17.96
N ASP A 435 -1.50 0.28 18.76
CA ASP A 435 -1.19 1.38 19.69
C ASP A 435 -0.14 0.97 20.73
N VAL A 436 -0.32 -0.21 21.33
CA VAL A 436 0.62 -0.72 22.33
C VAL A 436 2.03 -0.91 21.73
N SER A 437 2.09 -1.32 20.46
CA SER A 437 3.39 -1.52 19.78
C SER A 437 4.23 -0.26 19.66
N LEU A 438 3.58 0.91 19.71
CA LEU A 438 4.27 2.22 19.73
C LEU A 438 4.77 2.69 21.09
N MET A 439 4.34 2.05 22.16
CA MET A 439 4.77 2.44 23.49
C MET A 439 6.18 1.94 23.75
N LYS A 440 6.87 2.55 24.70
CA LYS A 440 8.21 2.10 25.09
C LYS A 440 8.19 0.61 25.33
N GLY A 441 9.16 -0.08 24.75
CA GLY A 441 9.21 -1.54 24.84
C GLY A 441 8.43 -2.26 23.78
N GLY A 442 7.57 -1.55 23.03
CA GLY A 442 6.81 -2.16 21.97
C GLY A 442 7.63 -2.46 20.73
N SER A 443 7.13 -3.38 19.92
CA SER A 443 7.84 -3.84 18.73
C SER A 443 8.10 -2.69 17.75
N SER A 444 7.13 -1.79 17.60
CA SER A 444 7.23 -0.67 16.64
C SER A 444 8.13 0.42 17.15
N TYR A 445 7.97 0.74 18.44
CA TYR A 445 8.87 1.67 19.11
C TYR A 445 10.33 1.19 19.00
N GLU A 446 10.58 -0.08 19.29
CA GLU A 446 11.95 -0.59 19.22
C GLU A 446 12.50 -0.61 17.78
N SER A 447 11.64 -0.93 16.82
CA SER A 447 11.98 -0.86 15.40
C SER A 447 12.42 0.52 14.99
N LEU A 448 11.66 1.52 15.39
CA LEU A 448 11.97 2.91 15.02
C LEU A 448 13.23 3.41 15.73
N GLU A 449 13.37 3.10 17.03
CA GLU A 449 14.59 3.49 17.75
C GLU A 449 15.83 2.84 17.13
N SER A 450 15.73 1.56 16.78
CA SER A 450 16.83 0.84 16.18
C SER A 450 17.14 1.34 14.77
N LEU A 451 16.12 1.68 14.00
CA LEU A 451 16.33 2.24 12.67
C LEU A 451 17.12 3.54 12.72
N VAL A 452 16.74 4.42 13.65
CA VAL A 452 17.42 5.71 13.80
C VAL A 452 18.91 5.51 14.20
N SER A 453 19.16 4.63 15.18
N SER A 453 19.13 4.64 15.18
CA SER A 453 20.53 4.33 15.61
CA SER A 453 20.49 4.28 15.63
C SER A 453 21.34 3.66 14.49
C SER A 453 21.32 3.67 14.50
N TYR A 454 20.72 2.74 13.78
CA TYR A 454 21.35 2.06 12.66
C TYR A 454 21.72 3.03 11.54
N ILE A 455 20.78 3.87 11.12
CA ILE A 455 21.07 4.86 10.08
C ILE A 455 22.20 5.77 10.53
N SER A 456 22.13 6.25 11.77
CA SER A 456 23.14 7.16 12.31
C SER A 456 24.53 6.55 12.39
N SER A 457 24.62 5.22 12.44
CA SER A 457 25.90 4.50 12.48
C SER A 457 26.48 4.17 11.10
N LEU A 458 25.73 4.35 10.02
CA LEU A 458 26.14 3.86 8.69
C LEU A 458 27.46 4.47 8.17
N LEU A 459 27.70 5.75 8.44
CA LEU A 459 28.92 6.42 7.98
C LEU A 459 30.12 6.16 8.88
N GLU A 460 29.88 5.57 10.06
CA GLU A 460 30.95 5.15 10.95
C GLU A 460 31.29 3.69 10.70
#